data_3WMY
#
_entry.id   3WMY
#
_cell.length_a   97.249
_cell.length_b   97.249
_cell.length_c   102.821
_cell.angle_alpha   90.00
_cell.angle_beta   90.00
_cell.angle_gamma   90.00
#
_symmetry.space_group_name_H-M   'P 41 21 2'
#
loop_
_entity.id
_entity.type
_entity.pdbx_description
1 polymer 'Extracellular exo-alpha-L-arabinofuranosidase'
2 non-polymer 'CALCIUM ION'
3 non-polymer 'CHLORIDE ION'
4 non-polymer 2-AMINO-2-HYDROXYMETHYL-PROPANE-1,3-DIOL
5 water water
#
_entity_poly.entity_id   1
_entity_poly.type   'polypeptide(L)'
_entity_poly.pdbx_seq_one_letter_code
;AGSGALRGAGSNRCLDVLGGSQDDGALLQLYDCWGGTNQQWTSTDTGRLTVYGDKCLDVPGHATAPGTRVQIWSCSGGAN
QQWRVNSDGTVVGVESGLCLEAAGAGTANGTAVQLWTCNGGGNQKWTGLTGTPPTDGTCALPSTYRWSSTGVLAQPKSGW
VALKDFTTVTHNGRHLVYGSTSSGSSYGSMVFSPFTNWSDMASAGQNAMNQAAVAPTLFYFAPKNIWVLAYQWGSWPFIY
RTSSDPTDPNGWSAPQPLFTGSISGSDTGPIDQTLIADGQNMYLFFAGDNGKIYRASMPIGNFPGNFGSSYTTIMSDTKA
NLFEGVQVYKVQGQNQYLMIVEAMGANGRYFRSFTASSLSGSWTPQAASEGNPFAGKANSGATWTNDISHGDLVRDNPDQ
TMTVDPCNLQFLYQGKSPNAGGDYNSLPWRPGVLTLRR
;
_entity_poly.pdbx_strand_id   A
#
# COMPACT_ATOMS: atom_id res chain seq x y z
N GLY A 137 -13.71 23.96 7.54
CA GLY A 137 -14.00 23.24 6.26
C GLY A 137 -13.46 21.82 6.23
N THR A 138 -13.07 21.31 7.40
CA THR A 138 -12.52 19.96 7.53
C THR A 138 -13.63 18.90 7.50
N CYS A 139 -13.26 17.69 7.14
CA CYS A 139 -14.19 16.54 7.17
C CYS A 139 -13.67 15.49 8.15
N ALA A 140 -14.58 14.64 8.60
CA ALA A 140 -14.22 13.50 9.43
C ALA A 140 -14.37 12.21 8.63
N LEU A 141 -13.64 11.17 9.05
CA LEU A 141 -13.86 9.83 8.52
C LEU A 141 -15.25 9.35 8.94
N PRO A 142 -15.98 8.69 8.02
CA PRO A 142 -17.29 8.16 8.38
C PRO A 142 -17.19 6.91 9.24
N SER A 143 -18.27 6.58 9.96
CA SER A 143 -18.32 5.32 10.71
C SER A 143 -18.62 4.17 9.77
N THR A 144 -19.49 4.41 8.80
CA THR A 144 -19.78 3.45 7.74
C THR A 144 -19.30 3.98 6.39
N TYR A 145 -18.50 3.18 5.69
CA TYR A 145 -17.95 3.56 4.40
C TYR A 145 -18.82 3.08 3.25
N ARG A 146 -19.06 3.98 2.30
CA ARG A 146 -19.73 3.65 1.05
CA ARG A 146 -19.75 3.67 1.05
C ARG A 146 -18.92 4.22 -0.11
N TRP A 147 -18.58 3.36 -1.06
CA TRP A 147 -17.77 3.78 -2.22
C TRP A 147 -18.49 3.59 -3.54
N SER A 148 -18.03 4.32 -4.54
CA SER A 148 -18.27 3.96 -5.93
C SER A 148 -16.92 3.51 -6.51
N SER A 149 -16.95 2.70 -7.56
CA SER A 149 -15.75 2.14 -8.13
C SER A 149 -15.67 2.35 -9.63
N THR A 150 -14.44 2.49 -10.12
CA THR A 150 -14.16 2.39 -11.55
C THR A 150 -14.24 0.92 -11.95
N GLY A 151 -14.25 0.69 -13.25
CA GLY A 151 -13.96 -0.65 -13.77
C GLY A 151 -12.46 -0.89 -13.71
N VAL A 152 -11.99 -1.92 -14.41
CA VAL A 152 -10.57 -2.18 -14.51
C VAL A 152 -9.90 -1.02 -15.22
N LEU A 153 -8.83 -0.49 -14.63
CA LEU A 153 -8.21 0.73 -15.15
C LEU A 153 -7.07 0.53 -16.14
N ALA A 154 -6.48 -0.67 -16.16
CA ALA A 154 -5.38 -0.97 -17.08
C ALA A 154 -5.15 -2.47 -17.18
N GLN A 155 -4.61 -2.89 -18.31
CA GLN A 155 -4.18 -4.27 -18.53
C GLN A 155 -2.67 -4.33 -18.51
N PRO A 156 -2.10 -5.41 -17.93
CA PRO A 156 -0.65 -5.53 -17.89
C PRO A 156 -0.02 -5.66 -19.28
N LYS A 157 1.12 -4.98 -19.42
CA LYS A 157 2.04 -5.09 -20.56
C LYS A 157 2.34 -6.54 -20.92
N SER A 158 2.65 -6.79 -22.19
CA SER A 158 3.06 -8.11 -22.64
C SER A 158 4.18 -8.67 -21.75
N GLY A 159 3.99 -9.88 -21.26
CA GLY A 159 4.96 -10.52 -20.37
C GLY A 159 4.55 -10.55 -18.91
N TRP A 160 3.57 -9.71 -18.56
CA TRP A 160 3.02 -9.70 -17.21
C TRP A 160 1.58 -10.19 -17.21
N VAL A 161 1.21 -10.93 -16.17
CA VAL A 161 -0.16 -11.38 -15.96
C VAL A 161 -0.90 -10.56 -14.90
N ALA A 162 -0.16 -9.73 -14.17
CA ALA A 162 -0.72 -8.96 -13.06
C ALA A 162 0.00 -7.66 -12.82
N LEU A 163 -0.79 -6.66 -12.41
CA LEU A 163 -0.30 -5.41 -11.83
C LEU A 163 -0.83 -5.37 -10.41
N LYS A 164 0.05 -5.06 -9.45
CA LYS A 164 -0.23 -5.30 -8.04
C LYS A 164 0.32 -4.26 -7.08
N ASP A 165 -0.19 -4.30 -5.84
CA ASP A 165 0.46 -3.69 -4.67
C ASP A 165 0.77 -2.21 -4.85
N PHE A 166 -0.19 -1.45 -5.33
CA PHE A 166 0.06 -0.09 -5.77
C PHE A 166 0.44 0.88 -4.67
N THR A 167 1.29 1.82 -5.05
CA THR A 167 1.61 2.98 -4.22
C THR A 167 1.49 4.20 -5.13
N THR A 168 0.84 5.25 -4.65
CA THR A 168 0.59 6.41 -5.51
C THR A 168 0.64 7.76 -4.82
N VAL A 169 1.26 8.72 -5.50
CA VAL A 169 1.21 10.13 -5.14
C VAL A 169 0.80 10.95 -6.34
N THR A 170 0.38 12.19 -6.09
CA THR A 170 0.23 13.16 -7.16
C THR A 170 1.54 13.93 -7.27
N HIS A 171 2.09 13.96 -8.48
CA HIS A 171 3.37 14.58 -8.76
C HIS A 171 3.20 15.49 -9.96
N ASN A 172 3.48 16.78 -9.76
CA ASN A 172 3.28 17.79 -10.80
C ASN A 172 1.88 17.72 -11.44
N GLY A 173 0.87 17.54 -10.60
CA GLY A 173 -0.52 17.49 -11.03
C GLY A 173 -0.95 16.20 -11.71
N ARG A 174 -0.07 15.21 -11.73
CA ARG A 174 -0.36 13.93 -12.38
C ARG A 174 -0.25 12.76 -11.42
N HIS A 175 -0.99 11.69 -11.70
CA HIS A 175 -0.90 10.47 -10.91
C HIS A 175 0.40 9.76 -11.20
N LEU A 176 1.16 9.49 -10.13
CA LEU A 176 2.39 8.74 -10.22
C LEU A 176 2.17 7.44 -9.44
N VAL A 177 2.25 6.31 -10.15
CA VAL A 177 1.89 5.01 -9.62
C VAL A 177 3.02 4.01 -9.84
N TYR A 178 3.54 3.45 -8.75
CA TYR A 178 4.39 2.27 -8.79
C TYR A 178 3.60 1.06 -8.36
N GLY A 179 4.01 -0.11 -8.82
CA GLY A 179 3.40 -1.36 -8.38
C GLY A 179 4.29 -2.55 -8.63
N SER A 180 3.93 -3.67 -8.02
CA SER A 180 4.54 -4.95 -8.36
C SER A 180 3.99 -5.43 -9.69
N THR A 181 4.77 -6.29 -10.33
CA THR A 181 4.32 -7.01 -11.52
C THR A 181 4.50 -8.49 -11.24
N SER A 182 3.70 -9.32 -11.91
CA SER A 182 3.94 -10.75 -11.90
C SER A 182 3.86 -11.29 -13.30
N SER A 183 4.80 -12.18 -13.62
CA SER A 183 4.76 -12.93 -14.87
CA SER A 183 4.76 -12.93 -14.87
C SER A 183 4.16 -14.30 -14.60
N GLY A 184 3.90 -14.58 -13.33
CA GLY A 184 3.42 -15.88 -12.87
C GLY A 184 4.56 -16.69 -12.28
N SER A 185 5.75 -16.53 -12.85
N SER A 185 5.75 -16.55 -12.86
CA SER A 185 6.96 -17.22 -12.39
CA SER A 185 6.93 -17.29 -12.41
C SER A 185 7.78 -16.33 -11.45
C SER A 185 7.91 -16.38 -11.68
N SER A 186 7.87 -15.05 -11.77
N SER A 186 7.40 -15.28 -11.14
CA SER A 186 8.64 -14.10 -10.96
CA SER A 186 8.26 -14.32 -10.46
C SER A 186 7.93 -12.75 -10.79
C SER A 186 7.58 -12.97 -10.31
N TYR A 187 8.16 -12.13 -9.63
N TYR A 187 8.18 -12.11 -9.48
CA TYR A 187 7.65 -10.79 -9.33
CA TYR A 187 7.66 -10.77 -9.26
C TYR A 187 8.68 -9.73 -9.69
C TYR A 187 8.68 -9.71 -9.66
N GLY A 188 8.19 -8.63 -10.24
CA GLY A 188 9.04 -7.48 -10.56
C GLY A 188 8.32 -6.22 -10.08
N SER A 189 8.72 -5.08 -10.61
CA SER A 189 8.04 -3.82 -10.32
C SER A 189 8.11 -2.89 -11.51
N MET A 190 7.29 -1.84 -11.46
CA MET A 190 7.13 -0.92 -12.58
C MET A 190 6.60 0.40 -12.09
N VAL A 191 6.70 1.41 -12.95
CA VAL A 191 6.02 2.69 -12.75
C VAL A 191 5.24 3.00 -14.02
N PHE A 192 4.02 3.52 -13.86
CA PHE A 192 3.26 4.01 -15.00
C PHE A 192 3.79 5.39 -15.38
N SER A 193 3.78 5.70 -16.68
CA SER A 193 4.03 7.06 -17.11
C SER A 193 2.96 7.95 -16.48
N PRO A 194 3.35 9.15 -15.99
CA PRO A 194 2.39 10.02 -15.31
C PRO A 194 1.17 10.34 -16.16
N PHE A 195 0.00 10.33 -15.54
CA PHE A 195 -1.27 10.59 -16.23
C PHE A 195 -2.17 11.43 -15.33
N THR A 196 -2.91 12.36 -15.92
CA THR A 196 -3.72 13.31 -15.14
C THR A 196 -5.01 12.68 -14.60
N ASN A 197 -5.65 11.85 -15.42
CA ASN A 197 -6.96 11.30 -15.12
C ASN A 197 -6.90 9.78 -15.00
N TRP A 198 -7.54 9.21 -13.97
CA TRP A 198 -7.61 7.75 -13.82
C TRP A 198 -8.14 7.05 -15.06
N SER A 199 -9.05 7.71 -15.79
CA SER A 199 -9.63 7.15 -17.01
C SER A 199 -8.62 7.01 -18.15
N ASP A 200 -7.45 7.64 -17.98
CA ASP A 200 -6.36 7.52 -18.95
C ASP A 200 -5.25 6.58 -18.49
N MET A 201 -5.42 5.95 -17.33
CA MET A 201 -4.44 4.97 -16.86
C MET A 201 -4.24 3.85 -17.89
N ALA A 202 -5.32 3.52 -18.62
CA ALA A 202 -5.30 2.41 -19.57
C ALA A 202 -4.32 2.63 -20.72
N SER A 203 -4.06 3.89 -21.04
CA SER A 203 -3.16 4.24 -22.14
C SER A 203 -1.76 4.66 -21.69
N ALA A 204 -1.55 4.75 -20.37
CA ALA A 204 -0.26 5.18 -19.83
C ALA A 204 0.83 4.16 -20.09
N GLY A 205 2.02 4.65 -20.42
CA GLY A 205 3.19 3.78 -20.57
C GLY A 205 3.43 2.96 -19.32
N GLN A 206 3.85 1.71 -19.49
CA GLN A 206 4.18 0.84 -18.37
C GLN A 206 5.68 0.56 -18.39
N ASN A 207 6.39 1.11 -17.42
CA ASN A 207 7.84 1.16 -17.44
C ASN A 207 8.45 0.27 -16.38
N ALA A 208 8.97 -0.88 -16.81
CA ALA A 208 9.56 -1.86 -15.91
C ALA A 208 10.81 -1.31 -15.23
N MET A 209 11.00 -1.67 -13.97
CA MET A 209 12.23 -1.40 -13.25
C MET A 209 13.22 -2.52 -13.55
N ASN A 210 14.47 -2.18 -13.82
CA ASN A 210 15.52 -3.18 -14.07
C ASN A 210 15.89 -3.99 -12.83
N GLN A 211 15.58 -3.43 -11.66
CA GLN A 211 15.79 -4.11 -10.39
CA GLN A 211 15.80 -4.09 -10.37
C GLN A 211 14.48 -4.12 -9.61
N ALA A 212 13.99 -5.31 -9.29
CA ALA A 212 12.68 -5.49 -8.66
C ALA A 212 12.54 -4.78 -7.31
N ALA A 213 11.44 -4.03 -7.18
CA ALA A 213 11.07 -3.39 -5.92
C ALA A 213 9.65 -3.83 -5.56
N VAL A 214 9.54 -5.07 -5.08
CA VAL A 214 8.24 -5.70 -4.84
C VAL A 214 7.50 -5.05 -3.66
N ALA A 215 6.20 -4.83 -3.86
CA ALA A 215 5.32 -4.19 -2.88
C ALA A 215 5.89 -2.85 -2.40
N PRO A 216 6.06 -1.91 -3.33
CA PRO A 216 6.79 -0.67 -3.05
C PRO A 216 6.00 0.38 -2.27
N THR A 217 6.74 1.27 -1.62
CA THR A 217 6.17 2.45 -0.98
C THR A 217 6.91 3.66 -1.54
N LEU A 218 6.17 4.58 -2.16
CA LEU A 218 6.77 5.78 -2.73
C LEU A 218 6.37 7.02 -1.95
N PHE A 219 7.35 7.84 -1.61
CA PHE A 219 7.07 9.17 -1.03
C PHE A 219 8.24 10.12 -1.22
N TYR A 220 7.93 11.40 -1.06
CA TYR A 220 8.93 12.46 -1.06
C TYR A 220 9.33 12.76 0.39
N PHE A 221 10.62 12.67 0.68
CA PHE A 221 11.11 12.97 2.02
C PHE A 221 11.60 14.42 2.07
N ALA A 222 10.71 15.30 2.51
CA ALA A 222 10.95 16.74 2.47
C ALA A 222 12.17 17.24 3.26
N PRO A 223 12.44 16.69 4.46
CA PRO A 223 13.59 17.21 5.22
C PRO A 223 14.94 17.09 4.49
N LYS A 224 15.04 16.18 3.53
CA LYS A 224 16.27 16.02 2.75
C LYS A 224 16.08 16.18 1.23
N ASN A 225 14.92 16.69 0.83
CA ASN A 225 14.60 16.92 -0.60
C ASN A 225 14.98 15.72 -1.47
N ILE A 226 14.48 14.54 -1.10
CA ILE A 226 14.81 13.32 -1.81
C ILE A 226 13.61 12.40 -1.83
N TRP A 227 13.40 11.71 -2.95
CA TRP A 227 12.33 10.72 -3.04
C TRP A 227 12.83 9.38 -2.54
N VAL A 228 11.93 8.60 -1.97
CA VAL A 228 12.24 7.30 -1.38
C VAL A 228 11.31 6.23 -1.96
N LEU A 229 11.90 5.11 -2.36
CA LEU A 229 11.15 3.93 -2.76
C LEU A 229 11.58 2.77 -1.87
N ALA A 230 10.68 2.36 -0.98
CA ALA A 230 10.95 1.23 -0.08
C ALA A 230 10.24 0.00 -0.62
N TYR A 231 10.79 -1.17 -0.30
CA TYR A 231 10.26 -2.43 -0.85
C TYR A 231 10.79 -3.64 -0.12
N GLN A 232 10.33 -4.83 -0.56
CA GLN A 232 10.76 -6.09 0.06
C GLN A 232 11.50 -6.96 -0.95
N TRP A 233 12.23 -7.93 -0.42
CA TRP A 233 12.96 -8.95 -1.20
C TRP A 233 14.21 -8.38 -1.88
N GLY A 234 15.36 -8.85 -1.43
CA GLY A 234 16.65 -8.42 -1.94
C GLY A 234 17.71 -8.77 -0.91
N SER A 235 18.67 -7.87 -0.72
CA SER A 235 19.79 -8.10 0.19
C SER A 235 19.38 -8.08 1.67
N TRP A 236 18.25 -7.44 1.97
CA TRP A 236 17.71 -7.34 3.33
C TRP A 236 16.19 -7.55 3.29
N PRO A 237 15.57 -7.92 4.44
CA PRO A 237 14.11 -8.08 4.49
C PRO A 237 13.34 -6.89 3.89
N PHE A 238 13.65 -5.66 4.33
CA PHE A 238 13.15 -4.47 3.63
C PHE A 238 14.31 -3.59 3.19
N ILE A 239 14.08 -2.89 2.08
CA ILE A 239 15.12 -2.19 1.34
C ILE A 239 14.56 -0.83 0.92
N TYR A 240 15.43 0.15 0.72
CA TYR A 240 15.00 1.38 0.06
C TYR A 240 16.03 1.88 -0.93
N ARG A 241 15.57 2.70 -1.87
CA ARG A 241 16.41 3.41 -2.80
C ARG A 241 15.93 4.86 -2.82
N THR A 242 16.79 5.77 -3.28
CA THR A 242 16.44 7.20 -3.33
C THR A 242 16.61 7.75 -4.73
N SER A 243 15.94 8.87 -5.01
CA SER A 243 16.00 9.51 -6.33
C SER A 243 15.56 10.96 -6.28
N SER A 244 16.02 11.74 -7.26
CA SER A 244 15.55 13.11 -7.45
C SER A 244 14.45 13.19 -8.50
N ASP A 245 14.24 12.08 -9.22
CA ASP A 245 13.18 12.00 -10.23
C ASP A 245 12.42 10.69 -10.13
N PRO A 246 11.28 10.70 -9.42
CA PRO A 246 10.56 9.46 -9.15
C PRO A 246 9.82 8.90 -10.37
N THR A 247 9.82 9.63 -11.49
CA THR A 247 9.18 9.12 -12.72
C THR A 247 10.05 8.09 -13.45
N ASP A 248 11.35 8.08 -13.15
CA ASP A 248 12.29 7.19 -13.81
C ASP A 248 12.40 5.87 -13.06
N PRO A 249 11.96 4.76 -13.69
CA PRO A 249 12.04 3.45 -13.02
C PRO A 249 13.47 3.02 -12.70
N ASN A 250 14.43 3.54 -13.44
CA ASN A 250 15.83 3.14 -13.32
C ASN A 250 16.77 4.25 -12.87
N GLY A 251 16.19 5.32 -12.33
CA GLY A 251 16.98 6.43 -11.80
C GLY A 251 17.23 6.36 -10.30
N TRP A 252 16.84 5.24 -9.69
CA TRP A 252 16.98 5.05 -8.26
C TRP A 252 18.41 4.65 -7.85
N SER A 253 18.79 5.08 -6.65
CA SER A 253 20.13 4.84 -6.11
C SER A 253 20.38 3.37 -5.81
N ALA A 254 21.62 3.05 -5.45
CA ALA A 254 21.93 1.71 -4.96
C ALA A 254 21.03 1.35 -3.76
N PRO A 255 20.58 0.09 -3.68
CA PRO A 255 19.76 -0.36 -2.57
C PRO A 255 20.44 -0.20 -1.21
N GLN A 256 19.65 0.17 -0.21
CA GLN A 256 20.12 0.35 1.15
C GLN A 256 19.21 -0.41 2.11
N PRO A 257 19.76 -0.91 3.24
CA PRO A 257 18.91 -1.66 4.19
C PRO A 257 17.89 -0.76 4.90
N LEU A 258 16.65 -1.23 4.97
CA LEU A 258 15.59 -0.54 5.70
C LEU A 258 15.26 -1.27 7.00
N PHE A 259 15.28 -2.60 6.93
CA PHE A 259 14.92 -3.43 8.07
C PHE A 259 15.59 -4.79 7.92
N THR A 260 16.15 -5.30 9.01
CA THR A 260 16.94 -6.52 9.00
C THR A 260 16.46 -7.55 10.02
N GLY A 261 15.27 -7.33 10.58
CA GLY A 261 14.73 -8.22 11.59
C GLY A 261 14.05 -9.46 11.05
N SER A 262 13.61 -10.32 11.96
CA SER A 262 12.93 -11.55 11.63
C SER A 262 11.75 -11.74 12.57
N ILE A 263 10.72 -12.41 12.07
CA ILE A 263 9.50 -12.65 12.85
C ILE A 263 9.24 -14.15 12.99
N SER A 264 8.55 -14.52 14.06
CA SER A 264 8.22 -15.92 14.31
C SER A 264 6.84 -16.26 13.76
N GLY A 265 6.64 -17.54 13.45
CA GLY A 265 5.34 -18.04 13.00
C GLY A 265 4.85 -17.43 11.71
N SER A 266 5.75 -17.26 10.74
CA SER A 266 5.41 -16.69 9.44
C SER A 266 6.05 -17.48 8.30
N ASP A 267 5.25 -17.76 7.28
CA ASP A 267 5.74 -18.44 6.08
C ASP A 267 6.47 -17.48 5.14
N THR A 268 6.22 -16.18 5.32
CA THR A 268 6.71 -15.16 4.39
C THR A 268 7.86 -14.33 4.95
N GLY A 269 7.93 -14.23 6.27
CA GLY A 269 8.79 -13.23 6.92
C GLY A 269 8.11 -11.87 6.82
N PRO A 270 8.83 -10.80 7.21
CA PRO A 270 8.27 -9.45 7.14
C PRO A 270 7.83 -9.13 5.71
N ILE A 271 6.61 -8.63 5.57
CA ILE A 271 6.04 -8.33 4.25
C ILE A 271 5.23 -7.02 4.29
N ASP A 272 5.06 -6.42 3.12
CA ASP A 272 4.16 -5.28 2.91
C ASP A 272 4.43 -4.12 3.86
N GLN A 273 5.68 -3.64 3.84
CA GLN A 273 6.02 -2.48 4.64
C GLN A 273 5.27 -1.24 4.19
N THR A 274 5.08 -0.33 5.13
CA THR A 274 4.85 1.06 4.78
C THR A 274 5.69 1.92 5.72
N LEU A 275 5.86 3.17 5.33
CA LEU A 275 6.60 4.15 6.12
C LEU A 275 5.72 5.37 6.30
N ILE A 276 5.80 6.00 7.47
CA ILE A 276 5.04 7.20 7.75
C ILE A 276 5.72 7.94 8.90
N ALA A 277 5.88 9.26 8.73
CA ALA A 277 6.43 10.09 9.79
C ALA A 277 5.40 11.07 10.28
N ASP A 278 5.47 11.42 11.56
CA ASP A 278 4.79 12.61 12.05
C ASP A 278 5.82 13.75 12.03
N GLY A 279 5.70 14.72 12.93
CA GLY A 279 6.68 15.80 12.97
C GLY A 279 7.99 15.43 13.65
N GLN A 280 8.00 14.27 14.32
CA GLN A 280 9.10 13.90 15.22
C GLN A 280 9.81 12.60 14.85
N ASN A 281 9.05 11.56 14.51
CA ASN A 281 9.60 10.23 14.29
C ASN A 281 9.16 9.62 12.96
N MET A 282 10.03 8.80 12.40
CA MET A 282 9.68 7.99 11.23
CA MET A 282 9.73 7.98 11.22
C MET A 282 9.32 6.58 11.69
N TYR A 283 8.18 6.10 11.21
CA TYR A 283 7.68 4.78 11.58
C TYR A 283 7.67 3.83 10.41
N LEU A 284 8.02 2.58 10.72
CA LEU A 284 7.86 1.46 9.81
C LEU A 284 6.73 0.59 10.34
N PHE A 285 5.78 0.24 9.49
CA PHE A 285 4.75 -0.74 9.83
C PHE A 285 4.84 -1.88 8.82
N PHE A 286 4.60 -3.11 9.27
CA PHE A 286 4.60 -4.26 8.36
C PHE A 286 3.78 -5.41 8.91
N ALA A 287 3.56 -6.41 8.06
CA ALA A 287 2.77 -7.58 8.39
C ALA A 287 3.60 -8.85 8.22
N GLY A 288 2.96 -10.00 8.42
CA GLY A 288 3.66 -11.27 8.33
C GLY A 288 2.87 -12.44 7.81
N ASP A 289 1.72 -12.15 7.19
CA ASP A 289 0.79 -13.20 6.74
C ASP A 289 0.45 -14.14 7.89
N ASN A 290 0.35 -13.60 9.10
CA ASN A 290 0.28 -14.43 10.29
C ASN A 290 -0.60 -13.89 11.42
N GLY A 291 -1.38 -12.86 11.13
CA GLY A 291 -2.28 -12.29 12.13
C GLY A 291 -1.67 -11.18 12.98
N LYS A 292 -0.42 -10.83 12.69
CA LYS A 292 0.25 -9.78 13.44
C LYS A 292 0.59 -8.56 12.59
N ILE A 293 0.54 -7.39 13.24
CA ILE A 293 1.05 -6.15 12.67
C ILE A 293 2.21 -5.70 13.56
N TYR A 294 3.28 -5.24 12.91
CA TYR A 294 4.50 -4.87 13.59
C TYR A 294 4.86 -3.41 13.31
N ARG A 295 5.63 -2.81 14.21
CA ARG A 295 6.01 -1.40 14.10
C ARG A 295 7.46 -1.22 14.54
N ALA A 296 8.16 -0.30 13.88
CA ALA A 296 9.47 0.16 14.33
C ALA A 296 9.53 1.67 14.15
N SER A 297 10.48 2.31 14.81
CA SER A 297 10.57 3.77 14.76
C SER A 297 11.99 4.26 14.92
N MET A 298 12.24 5.46 14.39
CA MET A 298 13.50 6.17 14.61
C MET A 298 13.20 7.66 14.60
N PRO A 299 14.04 8.48 15.26
CA PRO A 299 13.90 9.92 15.08
C PRO A 299 14.03 10.28 13.59
N ILE A 300 13.21 11.23 13.13
CA ILE A 300 13.18 11.60 11.70
CA ILE A 300 13.19 11.53 11.70
C ILE A 300 14.55 12.04 11.20
N GLY A 301 15.32 12.66 12.09
CA GLY A 301 16.67 13.14 11.76
C GLY A 301 17.64 12.03 11.36
N ASN A 302 17.30 10.79 11.70
CA ASN A 302 18.13 9.64 11.36
C ASN A 302 17.67 8.91 10.09
N PHE A 303 16.64 9.45 9.44
CA PHE A 303 16.13 8.92 8.18
C PHE A 303 16.57 9.82 7.03
N PRO A 304 16.85 9.26 5.83
CA PRO A 304 16.84 7.84 5.45
C PRO A 304 17.88 7.02 6.18
N GLY A 305 17.49 5.83 6.58
CA GLY A 305 18.38 4.95 7.33
C GLY A 305 17.75 3.62 7.61
N ASN A 306 18.51 2.80 8.33
CA ASN A 306 18.16 1.43 8.62
C ASN A 306 17.51 1.34 9.99
N PHE A 307 16.29 0.83 10.05
CA PHE A 307 15.62 0.57 11.33
C PHE A 307 16.29 -0.54 12.13
N GLY A 308 17.10 -1.35 11.46
CA GLY A 308 17.78 -2.46 12.11
C GLY A 308 16.86 -3.66 12.27
N SER A 309 17.09 -4.42 13.34
CA SER A 309 16.38 -5.69 13.52
C SER A 309 15.19 -5.58 14.49
N SER A 310 15.16 -4.52 15.29
CA SER A 310 14.17 -4.41 16.36
C SER A 310 12.79 -3.98 15.87
N TYR A 311 11.77 -4.44 16.59
CA TYR A 311 10.39 -4.07 16.27
C TYR A 311 9.49 -4.31 17.47
N THR A 312 8.28 -3.77 17.38
CA THR A 312 7.23 -3.97 18.37
C THR A 312 6.09 -4.73 17.70
N THR A 313 5.54 -5.72 18.38
CA THR A 313 4.34 -6.39 17.89
C THR A 313 3.15 -5.61 18.44
N ILE A 314 2.45 -4.89 17.56
CA ILE A 314 1.41 -3.96 18.02
C ILE A 314 -0.01 -4.50 17.96
N MET A 315 -0.21 -5.50 17.09
CA MET A 315 -1.53 -6.12 16.93
CA MET A 315 -1.52 -6.12 16.91
C MET A 315 -1.37 -7.62 16.75
N SER A 316 -2.31 -8.38 17.31
CA SER A 316 -2.29 -9.83 17.21
C SER A 316 -3.70 -10.38 17.15
N ASP A 317 -4.01 -11.05 16.03
CA ASP A 317 -5.33 -11.62 15.78
C ASP A 317 -5.15 -12.88 14.95
N THR A 318 -6.23 -13.39 14.40
CA THR A 318 -6.16 -14.53 13.50
C THR A 318 -5.49 -14.11 12.19
N LYS A 319 -4.90 -15.09 11.51
CA LYS A 319 -4.27 -14.89 10.21
CA LYS A 319 -4.27 -14.91 10.21
C LYS A 319 -5.23 -14.19 9.24
N ALA A 320 -6.49 -14.63 9.24
CA ALA A 320 -7.51 -14.07 8.36
C ALA A 320 -7.82 -12.60 8.67
N ASN A 321 -7.83 -12.24 9.95
CA ASN A 321 -8.20 -10.88 10.37
C ASN A 321 -7.13 -9.82 10.14
N LEU A 322 -5.87 -10.20 10.24
CA LEU A 322 -4.75 -9.28 10.05
C LEU A 322 -3.70 -9.95 9.17
N PHE A 323 -3.95 -9.96 7.86
CA PHE A 323 -3.17 -10.77 6.96
C PHE A 323 -1.96 -10.03 6.39
N GLU A 324 -2.20 -8.98 5.60
CA GLU A 324 -1.11 -8.26 4.93
C GLU A 324 -1.60 -6.90 4.45
N GLY A 325 -0.83 -6.27 3.54
CA GLY A 325 -1.24 -5.02 2.90
C GLY A 325 -1.52 -3.85 3.82
N VAL A 326 -0.77 -3.78 4.93
CA VAL A 326 -0.96 -2.71 5.92
C VAL A 326 -0.56 -1.35 5.35
N GLN A 327 -1.43 -0.36 5.58
CA GLN A 327 -1.12 1.02 5.23
C GLN A 327 -1.53 1.91 6.39
N VAL A 328 -0.79 3.01 6.58
CA VAL A 328 -1.07 3.98 7.64
C VAL A 328 -1.01 5.39 7.05
N TYR A 329 -1.94 6.24 7.49
CA TYR A 329 -2.09 7.60 6.96
C TYR A 329 -2.41 8.59 8.06
N LYS A 330 -2.04 9.85 7.84
CA LYS A 330 -2.52 10.95 8.66
C LYS A 330 -3.81 11.48 8.06
N VAL A 331 -4.85 11.58 8.89
CA VAL A 331 -6.11 12.17 8.45
C VAL A 331 -6.01 13.70 8.54
N GLN A 332 -6.00 14.37 7.39
CA GLN A 332 -5.91 15.82 7.35
C GLN A 332 -7.09 16.46 8.08
N GLY A 333 -6.78 17.44 8.92
CA GLY A 333 -7.81 18.20 9.62
C GLY A 333 -8.36 17.54 10.87
N GLN A 334 -7.77 16.39 11.24
CA GLN A 334 -8.15 15.66 12.44
C GLN A 334 -6.91 15.23 13.19
N ASN A 335 -7.02 15.11 14.51
CA ASN A 335 -5.92 14.61 15.33
C ASN A 335 -5.99 13.09 15.37
N GLN A 336 -5.75 12.49 14.21
CA GLN A 336 -6.11 11.11 13.98
C GLN A 336 -5.28 10.50 12.86
N TYR A 337 -4.89 9.24 13.07
CA TYR A 337 -4.23 8.42 12.08
C TYR A 337 -5.13 7.26 11.70
N LEU A 338 -5.03 6.84 10.45
CA LEU A 338 -5.84 5.75 9.91
C LEU A 338 -4.94 4.60 9.49
N MET A 339 -5.21 3.42 10.03
CA MET A 339 -4.57 2.19 9.56
C MET A 339 -5.58 1.32 8.84
N ILE A 340 -5.19 0.79 7.69
CA ILE A 340 -5.98 -0.23 7.02
C ILE A 340 -5.15 -1.50 6.89
N VAL A 341 -5.79 -2.64 7.08
CA VAL A 341 -5.11 -3.94 6.97
C VAL A 341 -5.97 -4.85 6.09
N GLU A 342 -5.32 -5.56 5.16
CA GLU A 342 -6.02 -6.51 4.32
C GLU A 342 -6.30 -7.79 5.08
N ALA A 343 -7.55 -8.22 4.98
CA ALA A 343 -8.04 -9.42 5.64
C ALA A 343 -8.56 -10.41 4.61
N MET A 344 -8.60 -11.68 4.98
CA MET A 344 -9.21 -12.71 4.14
C MET A 344 -10.64 -12.95 4.60
N GLY A 345 -11.60 -12.54 3.78
CA GLY A 345 -13.00 -12.73 4.11
C GLY A 345 -13.57 -13.98 3.48
N ALA A 346 -14.81 -14.31 3.84
CA ALA A 346 -15.51 -15.44 3.25
C ALA A 346 -15.80 -15.19 1.77
N ASN A 347 -16.01 -13.93 1.43
CA ASN A 347 -16.39 -13.56 0.07
C ASN A 347 -15.24 -13.00 -0.77
N GLY A 348 -14.12 -12.71 -0.11
CA GLY A 348 -12.93 -12.21 -0.79
C GLY A 348 -12.06 -11.37 0.12
N ARG A 349 -10.99 -10.83 -0.44
CA ARG A 349 -10.11 -9.92 0.30
C ARG A 349 -10.83 -8.61 0.58
N TYR A 350 -10.61 -8.06 1.76
CA TYR A 350 -11.20 -6.78 2.12
C TYR A 350 -10.29 -6.08 3.12
N PHE A 351 -10.59 -4.82 3.40
CA PHE A 351 -9.80 -4.04 4.34
C PHE A 351 -10.56 -3.72 5.61
N ARG A 352 -9.85 -3.85 6.73
CA ARG A 352 -10.34 -3.46 8.04
C ARG A 352 -9.59 -2.20 8.45
N SER A 353 -10.33 -1.22 8.99
CA SER A 353 -9.70 0.03 9.41
C SER A 353 -9.66 0.18 10.93
N PHE A 354 -8.65 0.93 11.37
CA PHE A 354 -8.40 1.23 12.77
C PHE A 354 -7.96 2.69 12.85
N THR A 355 -8.18 3.32 14.00
CA THR A 355 -7.71 4.68 14.22
C THR A 355 -6.83 4.80 15.46
N ALA A 356 -6.00 5.83 15.47
CA ALA A 356 -5.14 6.15 16.62
C ALA A 356 -4.98 7.66 16.69
N SER A 357 -4.71 8.17 17.90
CA SER A 357 -4.43 9.59 18.07
C SER A 357 -2.96 9.91 17.87
N SER A 358 -2.12 8.87 17.91
CA SER A 358 -0.68 9.01 17.77
C SER A 358 -0.11 7.76 17.10
N LEU A 359 0.96 7.94 16.33
CA LEU A 359 1.56 6.82 15.60
C LEU A 359 2.18 5.76 16.50
N SER A 360 2.52 6.14 17.72
CA SER A 360 3.04 5.19 18.71
C SER A 360 1.93 4.70 19.66
N GLY A 361 0.70 5.12 19.41
CA GLY A 361 -0.42 4.80 20.29
C GLY A 361 -1.13 3.50 19.95
N SER A 362 -2.19 3.21 20.68
CA SER A 362 -3.00 2.02 20.46
C SER A 362 -3.97 2.25 19.31
N TRP A 363 -4.34 1.16 18.62
CA TRP A 363 -5.25 1.23 17.48
C TRP A 363 -6.63 0.68 17.83
N THR A 364 -7.64 1.51 17.61
CA THR A 364 -9.03 1.15 17.90
C THR A 364 -9.74 0.73 16.61
N PRO A 365 -10.36 -0.46 16.59
CA PRO A 365 -11.08 -0.88 15.39
C PRO A 365 -12.15 0.12 14.99
N GLN A 366 -12.21 0.41 13.69
CA GLN A 366 -13.21 1.34 13.16
CA GLN A 366 -13.22 1.33 13.16
C GLN A 366 -14.21 0.53 12.32
N ALA A 367 -13.94 0.38 11.04
CA ALA A 367 -14.75 -0.45 10.16
C ALA A 367 -13.95 -1.74 9.94
N ALA A 368 -14.17 -2.70 10.82
CA ALA A 368 -13.24 -3.82 10.99
C ALA A 368 -13.88 -5.22 10.93
N SER A 369 -14.98 -5.34 10.18
CA SER A 369 -15.60 -6.64 9.92
C SER A 369 -15.91 -6.74 8.44
N GLU A 370 -16.10 -7.96 7.94
CA GLU A 370 -16.40 -8.15 6.51
C GLU A 370 -17.72 -7.48 6.10
N GLY A 371 -18.70 -7.49 7.01
CA GLY A 371 -20.00 -6.87 6.76
C GLY A 371 -19.98 -5.36 6.89
N ASN A 372 -19.02 -4.85 7.66
CA ASN A 372 -18.83 -3.42 7.82
C ASN A 372 -17.36 -3.06 7.62
N PRO A 373 -16.86 -3.18 6.38
CA PRO A 373 -15.42 -3.04 6.17
C PRO A 373 -15.01 -1.62 5.82
N PHE A 374 -13.71 -1.34 5.88
CA PHE A 374 -13.21 -0.11 5.30
C PHE A 374 -13.54 -0.10 3.82
N ALA A 375 -13.17 -1.19 3.14
CA ALA A 375 -13.49 -1.39 1.73
C ALA A 375 -13.48 -2.88 1.44
N GLY A 376 -14.55 -3.34 0.78
CA GLY A 376 -14.69 -4.75 0.45
C GLY A 376 -15.89 -4.95 -0.44
N LYS A 377 -16.22 -6.20 -0.74
CA LYS A 377 -17.38 -6.53 -1.56
C LYS A 377 -18.66 -5.87 -1.02
N ALA A 378 -18.77 -5.76 0.30
CA ALA A 378 -19.97 -5.20 0.93
C ALA A 378 -20.26 -3.74 0.56
N ASN A 379 -19.23 -2.96 0.25
CA ASN A 379 -19.41 -1.52 0.10
C ASN A 379 -18.60 -0.83 -1.01
N SER A 380 -17.93 -1.61 -1.84
CA SER A 380 -17.03 -1.05 -2.86
C SER A 380 -17.75 -0.45 -4.05
N GLY A 381 -18.91 -1.00 -4.39
CA GLY A 381 -19.62 -0.64 -5.61
C GLY A 381 -18.96 -1.21 -6.86
N ALA A 382 -17.97 -2.08 -6.68
CA ALA A 382 -17.28 -2.72 -7.81
C ALA A 382 -18.05 -3.92 -8.31
N THR A 383 -18.17 -4.01 -9.63
N THR A 383 -18.22 -4.04 -9.62
CA THR A 383 -18.92 -5.06 -10.33
CA THR A 383 -18.90 -5.20 -10.18
C THR A 383 -18.00 -6.09 -10.99
C THR A 383 -17.90 -6.24 -10.69
N TRP A 384 -16.71 -5.77 -11.06
CA TRP A 384 -15.72 -6.61 -11.76
C TRP A 384 -14.85 -7.47 -10.85
N THR A 385 -14.91 -7.20 -9.55
CA THR A 385 -14.10 -7.90 -8.56
C THR A 385 -14.87 -8.08 -7.26
N ASN A 386 -14.68 -9.23 -6.62
CA ASN A 386 -15.19 -9.48 -5.29
C ASN A 386 -14.12 -9.28 -4.23
N ASP A 387 -12.92 -8.92 -4.70
CA ASP A 387 -11.75 -8.67 -3.85
C ASP A 387 -11.35 -7.21 -3.91
N ILE A 388 -11.12 -6.62 -2.74
CA ILE A 388 -10.46 -5.32 -2.64
C ILE A 388 -9.16 -5.59 -1.88
N SER A 389 -8.05 -5.42 -2.58
CA SER A 389 -6.77 -5.95 -2.11
C SER A 389 -5.64 -4.92 -2.29
N HIS A 390 -4.47 -5.26 -1.74
CA HIS A 390 -3.29 -4.41 -1.60
C HIS A 390 -3.19 -3.20 -2.55
N GLY A 391 -3.32 -2.00 -1.98
CA GLY A 391 -3.13 -0.77 -2.73
C GLY A 391 -2.74 0.38 -1.82
N ASP A 392 -3.27 1.56 -2.11
CA ASP A 392 -2.87 2.78 -1.44
C ASP A 392 -3.99 3.79 -1.58
N LEU A 393 -4.34 4.46 -0.50
CA LEU A 393 -5.19 5.64 -0.60
C LEU A 393 -4.44 6.68 -1.41
N VAL A 394 -5.19 7.48 -2.17
CA VAL A 394 -4.60 8.45 -3.07
C VAL A 394 -4.05 9.65 -2.28
N ARG A 395 -2.75 9.86 -2.39
CA ARG A 395 -2.06 10.88 -1.61
C ARG A 395 -1.69 12.09 -2.46
N ASP A 396 -2.46 13.17 -2.33
CA ASP A 396 -2.20 14.39 -3.09
C ASP A 396 -0.92 15.09 -2.66
N ASN A 397 -0.66 15.12 -1.36
CA ASN A 397 0.62 15.55 -0.83
C ASN A 397 1.54 14.32 -0.82
N PRO A 398 2.63 14.34 -1.61
CA PRO A 398 3.48 13.17 -1.74
C PRO A 398 4.44 12.93 -0.59
N ASP A 399 4.40 13.77 0.45
CA ASP A 399 5.45 13.72 1.48
C ASP A 399 5.34 12.56 2.47
N GLN A 400 6.33 12.49 3.37
CA GLN A 400 6.50 11.38 4.28
C GLN A 400 5.40 11.24 5.33
N THR A 401 4.53 12.24 5.45
CA THR A 401 3.45 12.18 6.43
C THR A 401 2.28 11.30 6.00
N MET A 402 2.26 10.88 4.74
CA MET A 402 1.17 10.02 4.21
C MET A 402 -0.19 10.63 4.56
N THR A 403 -0.35 11.92 4.31
CA THR A 403 -1.58 12.61 4.63
C THR A 403 -2.63 12.37 3.56
N VAL A 404 -3.84 12.05 4.01
CA VAL A 404 -5.00 11.92 3.12
C VAL A 404 -6.08 12.92 3.52
N ASP A 405 -6.83 13.39 2.53
CA ASP A 405 -7.92 14.35 2.72
C ASP A 405 -9.25 13.57 2.85
N PRO A 406 -9.83 13.56 4.06
CA PRO A 406 -11.08 12.82 4.27
C PRO A 406 -12.28 13.39 3.50
N CYS A 407 -12.14 14.62 2.99
CA CYS A 407 -13.18 15.25 2.16
C CYS A 407 -13.22 14.69 0.74
N ASN A 408 -12.08 14.13 0.29
CA ASN A 408 -11.94 13.60 -1.06
C ASN A 408 -11.15 12.28 -1.04
N LEU A 409 -11.65 11.32 -0.28
CA LEU A 409 -10.95 10.04 -0.11
C LEU A 409 -11.12 9.13 -1.33
N GLN A 410 -9.99 8.64 -1.84
CA GLN A 410 -9.97 7.66 -2.93
C GLN A 410 -8.97 6.57 -2.63
N PHE A 411 -9.23 5.37 -3.15
CA PHE A 411 -8.43 4.18 -2.86
C PHE A 411 -8.07 3.49 -4.16
N LEU A 412 -6.78 3.51 -4.50
CA LEU A 412 -6.26 2.73 -5.62
C LEU A 412 -5.95 1.33 -5.11
N TYR A 413 -6.74 0.35 -5.57
CA TYR A 413 -6.65 -1.02 -5.08
C TYR A 413 -6.39 -2.01 -6.21
N GLN A 414 -6.06 -3.25 -5.84
CA GLN A 414 -6.00 -4.33 -6.81
C GLN A 414 -7.20 -5.24 -6.63
N GLY A 415 -7.78 -5.65 -7.76
CA GLY A 415 -8.90 -6.58 -7.78
C GLY A 415 -8.67 -7.62 -8.86
N LYS A 416 -9.56 -8.59 -8.94
CA LYS A 416 -9.45 -9.65 -9.95
C LYS A 416 -10.82 -10.19 -10.28
N SER A 417 -10.96 -10.76 -11.47
CA SER A 417 -12.20 -11.40 -11.85
CA SER A 417 -12.20 -11.41 -11.87
C SER A 417 -12.54 -12.51 -10.86
N PRO A 418 -13.82 -12.58 -10.44
CA PRO A 418 -14.23 -13.67 -9.53
C PRO A 418 -14.06 -15.06 -10.14
N ASN A 419 -13.96 -15.13 -11.46
CA ASN A 419 -13.82 -16.42 -12.14
C ASN A 419 -12.37 -16.87 -12.33
N ALA A 420 -11.41 -16.03 -11.93
CA ALA A 420 -10.00 -16.33 -12.11
C ALA A 420 -9.48 -17.32 -11.07
N GLY A 421 -8.89 -18.41 -11.54
CA GLY A 421 -8.32 -19.43 -10.66
C GLY A 421 -6.84 -19.64 -10.91
N GLY A 422 -6.29 -20.71 -10.34
CA GLY A 422 -4.88 -21.05 -10.54
C GLY A 422 -4.03 -20.71 -9.34
N ASP A 423 -2.72 -20.80 -9.51
CA ASP A 423 -1.78 -20.45 -8.45
C ASP A 423 -1.91 -18.98 -8.07
N TYR A 424 -1.82 -18.68 -6.78
CA TYR A 424 -1.90 -17.30 -6.30
C TYR A 424 -1.00 -16.36 -7.10
N ASN A 425 0.23 -16.78 -7.35
CA ASN A 425 1.22 -15.94 -8.04
C ASN A 425 0.90 -15.62 -9.49
N SER A 426 -0.03 -16.36 -10.08
CA SER A 426 -0.44 -16.13 -11.47
C SER A 426 -1.79 -15.42 -11.59
N LEU A 427 -2.42 -15.09 -10.45
CA LEU A 427 -3.73 -14.43 -10.47
C LEU A 427 -3.68 -13.09 -11.22
N PRO A 428 -4.70 -12.84 -12.05
CA PRO A 428 -4.71 -11.63 -12.90
C PRO A 428 -5.21 -10.38 -12.17
N TRP A 429 -4.40 -9.87 -11.24
CA TRP A 429 -4.73 -8.65 -10.51
C TRP A 429 -4.68 -7.43 -11.42
N ARG A 430 -5.56 -6.48 -11.14
CA ARG A 430 -5.73 -5.27 -11.95
C ARG A 430 -6.00 -4.07 -11.05
N PRO A 431 -5.62 -2.86 -11.49
CA PRO A 431 -5.94 -1.65 -10.71
C PRO A 431 -7.37 -1.18 -10.87
N GLY A 432 -7.95 -0.69 -9.77
CA GLY A 432 -9.21 0.02 -9.79
C GLY A 432 -9.11 1.15 -8.78
N VAL A 433 -10.03 2.11 -8.86
CA VAL A 433 -10.08 3.20 -7.89
C VAL A 433 -11.47 3.33 -7.27
N LEU A 434 -11.52 3.34 -5.95
CA LEU A 434 -12.76 3.64 -5.22
C LEU A 434 -12.78 5.10 -4.86
N THR A 435 -13.96 5.71 -4.96
CA THR A 435 -14.18 7.09 -4.54
C THR A 435 -15.23 7.07 -3.44
N LEU A 436 -14.91 7.71 -2.32
CA LEU A 436 -15.82 7.70 -1.17
C LEU A 436 -17.05 8.55 -1.47
N ARG A 437 -18.22 7.97 -1.22
CA ARG A 437 -19.49 8.66 -1.43
C ARG A 437 -19.84 9.48 -0.20
N ARG A 438 -20.01 10.79 -0.41
CA ARG A 438 -20.34 11.72 0.67
C ARG A 438 -21.81 12.14 0.64
#